data_3FF8
#
_entry.id   3FF8
#
_cell.length_a   53.776
_cell.length_b   90.526
_cell.length_c   107.593
_cell.angle_alpha   90.000
_cell.angle_beta   90.000
_cell.angle_gamma   90.000
#
_symmetry.space_group_name_H-M   'P 21 21 21'
#
loop_
_entity.id
_entity.type
_entity.pdbx_description
1 polymer 'Epithelial cadherin'
2 polymer 'Killer cell lectin-like receptor subfamily G member 1'
3 non-polymer 'CALCIUM ION'
4 water water
#
loop_
_entity_poly.entity_id
_entity_poly.type
_entity_poly.pdbx_seq_one_letter_code
_entity_poly.pdbx_strand_id
1 'polypeptide(L)'
;MDWVIPPISLPENEKGPFPKNLVQIKSNKDKEGKVFYSITGQGADTPPVGVFIIERETGWLKVTEPLDRERIATYTLFSH
AVSSNGNAVEDPMEILITVTD
;
A,B
2 'polypeptide(L)'
;CPILWTRNGSHCYYFSMEKKDWNSSLKFCADKGSHLLTFPDNQGVKLFGEYLGQDFYWIGLRNIDGWRWEGGPALSLRIL
TNSLIQRCGAIHRNGLQASSCEVALQWICKKVLY
;
C,D
#
# COMPACT_ATOMS: atom_id res chain seq x y z
N MET A 1 26.34 -11.07 -2.00
CA MET A 1 25.12 -10.62 -2.73
C MET A 1 23.98 -10.62 -1.72
N ASP A 2 23.59 -9.42 -1.26
CA ASP A 2 22.53 -9.28 -0.28
C ASP A 2 21.40 -8.33 -0.73
N TRP A 3 21.27 -8.18 -2.05
CA TRP A 3 20.24 -7.33 -2.62
C TRP A 3 18.87 -7.96 -2.41
N VAL A 4 17.89 -7.10 -2.21
CA VAL A 4 16.50 -7.50 -2.02
C VAL A 4 15.67 -6.60 -2.94
N ILE A 5 15.12 -7.17 -4.01
CA ILE A 5 14.35 -6.37 -4.98
C ILE A 5 12.93 -6.83 -5.11
N PRO A 6 11.95 -6.01 -4.68
CA PRO A 6 10.52 -6.37 -4.78
C PRO A 6 10.09 -6.44 -6.26
N PRO A 7 8.88 -6.97 -6.53
CA PRO A 7 8.43 -7.07 -7.93
C PRO A 7 8.03 -5.68 -8.43
N ILE A 8 8.56 -5.30 -9.59
CA ILE A 8 8.29 -4.00 -10.16
C ILE A 8 7.32 -4.11 -11.35
N SER A 9 6.16 -3.49 -11.21
CA SER A 9 5.12 -3.48 -12.25
C SER A 9 4.84 -1.99 -12.54
N LEU A 10 4.91 -1.60 -13.82
CA LEU A 10 4.71 -0.21 -14.19
C LEU A 10 3.94 0.00 -15.50
N PRO A 11 2.71 0.55 -15.42
CA PRO A 11 1.93 0.78 -16.64
C PRO A 11 2.30 2.11 -17.30
N GLU A 12 2.12 2.19 -18.62
CA GLU A 12 2.40 3.44 -19.34
C GLU A 12 1.25 4.39 -19.04
N ASN A 13 1.39 5.65 -19.44
CA ASN A 13 0.33 6.65 -19.26
C ASN A 13 -0.17 6.96 -17.85
N GLU A 14 0.64 6.73 -16.82
CA GLU A 14 0.20 7.04 -15.47
C GLU A 14 0.00 8.54 -15.33
N LYS A 15 -0.91 8.92 -14.45
CA LYS A 15 -1.19 10.32 -14.18
C LYS A 15 -0.39 10.70 -12.92
N GLY A 16 -0.08 11.99 -12.79
CA GLY A 16 0.68 12.46 -11.65
C GLY A 16 -0.20 12.69 -10.42
N PRO A 17 0.28 13.50 -9.47
CA PRO A 17 1.58 14.18 -9.59
C PRO A 17 2.76 13.21 -9.47
N PHE A 18 3.91 13.66 -9.94
CA PHE A 18 5.15 12.91 -9.91
C PHE A 18 6.12 13.64 -8.96
N PRO A 19 7.15 12.93 -8.46
CA PRO A 19 7.46 11.51 -8.70
C PRO A 19 6.55 10.53 -7.95
N LYS A 20 6.54 9.29 -8.45
CA LYS A 20 5.72 8.23 -7.86
C LYS A 20 6.54 7.01 -7.47
N ASN A 21 6.28 6.50 -6.28
CA ASN A 21 6.98 5.32 -5.79
C ASN A 21 6.74 4.07 -6.62
N LEU A 22 7.79 3.28 -6.83
CA LEU A 22 7.67 2.01 -7.54
C LEU A 22 7.82 0.94 -6.44
N VAL A 23 9.06 0.68 -6.03
CA VAL A 23 9.32 -0.31 -4.98
C VAL A 23 10.47 0.23 -4.15
N GLN A 24 10.64 -0.34 -2.97
CA GLN A 24 11.72 0.05 -2.08
C GLN A 24 12.78 -1.06 -2.11
N ILE A 25 13.94 -0.77 -2.69
CA ILE A 25 14.95 -1.82 -2.72
C ILE A 25 15.86 -1.70 -1.51
N LYS A 26 16.66 -2.73 -1.27
CA LYS A 26 17.57 -2.60 -0.18
C LYS A 26 18.58 -3.71 -0.23
N SER A 27 19.63 -3.51 0.55
CA SER A 27 20.68 -4.48 0.72
C SER A 27 20.56 -4.95 2.16
N ASN A 28 20.67 -6.25 2.39
CA ASN A 28 20.60 -6.73 3.76
C ASN A 28 21.83 -6.30 4.55
N LYS A 29 22.77 -5.65 3.87
CA LYS A 29 23.94 -5.12 4.55
C LYS A 29 23.49 -3.96 5.45
N ASP A 30 22.26 -3.48 5.28
CA ASP A 30 21.83 -2.37 6.14
C ASP A 30 21.72 -2.78 7.60
N LYS A 31 21.91 -4.08 7.87
CA LYS A 31 21.90 -4.57 9.25
C LYS A 31 23.23 -4.24 9.93
N GLU A 32 24.31 -4.15 9.15
CA GLU A 32 25.63 -3.85 9.69
C GLU A 32 25.88 -2.36 9.87
N GLY A 33 25.25 -1.56 9.01
CA GLY A 33 25.42 -0.13 9.06
C GLY A 33 24.57 0.56 8.00
N LYS A 34 24.58 1.88 8.01
CA LYS A 34 23.79 2.67 7.08
C LYS A 34 24.24 2.44 5.63
N VAL A 35 23.28 2.28 4.75
CA VAL A 35 23.59 2.06 3.33
C VAL A 35 22.96 3.17 2.51
N PHE A 36 23.65 3.61 1.45
CA PHE A 36 23.16 4.66 0.57
C PHE A 36 23.04 4.06 -0.83
N TYR A 37 21.90 4.30 -1.46
CA TYR A 37 21.59 3.73 -2.77
C TYR A 37 21.67 4.71 -3.92
N SER A 38 21.97 4.18 -5.11
CA SER A 38 22.03 4.96 -6.35
C SER A 38 21.70 4.03 -7.51
N ILE A 39 21.26 4.59 -8.63
CA ILE A 39 20.98 3.79 -9.82
C ILE A 39 21.69 4.38 -11.05
N THR A 40 22.05 3.52 -12.00
CA THR A 40 22.67 3.98 -13.24
C THR A 40 21.92 3.29 -14.40
N GLY A 41 22.20 3.73 -15.63
CA GLY A 41 21.56 3.11 -16.78
C GLY A 41 20.78 4.12 -17.58
N GLN A 42 20.43 3.76 -18.81
CA GLN A 42 19.66 4.66 -19.66
C GLN A 42 18.28 4.75 -19.00
N GLY A 43 17.82 5.99 -18.80
CA GLY A 43 16.55 6.21 -18.13
C GLY A 43 16.85 6.78 -16.74
N ALA A 44 18.10 6.59 -16.30
CA ALA A 44 18.56 7.08 -15.01
C ALA A 44 19.66 8.14 -15.22
N ASP A 45 20.92 7.71 -15.42
CA ASP A 45 21.98 8.70 -15.60
C ASP A 45 22.46 8.87 -17.04
N THR A 46 21.90 8.11 -17.97
CA THR A 46 22.23 8.27 -19.38
C THR A 46 20.86 8.40 -20.08
N PRO A 47 20.79 9.23 -21.15
CA PRO A 47 19.55 9.45 -21.90
C PRO A 47 18.63 8.24 -22.03
N PRO A 48 17.33 8.39 -21.72
CA PRO A 48 16.67 9.62 -21.24
C PRO A 48 16.91 9.81 -19.74
N VAL A 49 17.72 10.82 -19.43
CA VAL A 49 18.08 11.12 -18.05
C VAL A 49 16.91 11.47 -17.11
N GLY A 50 16.96 10.92 -15.90
CA GLY A 50 15.97 11.24 -14.89
C GLY A 50 14.57 10.65 -14.92
N VAL A 51 14.30 9.72 -15.83
CA VAL A 51 12.96 9.13 -15.86
C VAL A 51 12.78 8.33 -14.55
N PHE A 52 13.85 7.68 -14.10
CA PHE A 52 13.83 6.93 -12.84
C PHE A 52 14.85 7.52 -11.90
N ILE A 53 14.48 7.63 -10.63
CA ILE A 53 15.40 8.12 -9.63
C ILE A 53 15.26 7.21 -8.42
N ILE A 54 16.22 7.25 -7.51
CA ILE A 54 16.10 6.46 -6.30
C ILE A 54 16.46 7.39 -5.10
N GLU A 55 15.72 7.24 -4.01
CA GLU A 55 15.92 8.05 -2.79
C GLU A 55 17.14 7.43 -2.13
N ARG A 56 18.21 8.20 -2.04
CA ARG A 56 19.46 7.65 -1.55
C ARG A 56 19.50 6.97 -0.20
N GLU A 57 18.75 7.49 0.79
CA GLU A 57 18.79 6.84 2.10
C GLU A 57 17.70 5.79 2.32
N THR A 58 16.62 5.86 1.55
CA THR A 58 15.54 4.91 1.78
C THR A 58 15.49 3.75 0.80
N GLY A 59 16.03 3.94 -0.40
CA GLY A 59 16.00 2.86 -1.38
C GLY A 59 14.75 2.91 -2.26
N TRP A 60 13.92 3.92 -2.07
CA TRP A 60 12.71 4.05 -2.88
C TRP A 60 13.01 4.43 -4.32
N LEU A 61 12.72 3.48 -5.21
CA LEU A 61 12.91 3.70 -6.64
C LEU A 61 11.62 4.41 -7.07
N LYS A 62 11.76 5.49 -7.84
CA LYS A 62 10.61 6.26 -8.27
C LYS A 62 10.66 6.59 -9.76
N VAL A 63 9.51 6.86 -10.35
CA VAL A 63 9.44 7.25 -11.76
C VAL A 63 8.95 8.72 -11.75
N THR A 64 9.53 9.53 -12.63
CA THR A 64 9.24 10.96 -12.65
C THR A 64 8.32 11.52 -13.72
N GLU A 65 7.84 10.66 -14.61
CA GLU A 65 6.95 11.14 -15.64
C GLU A 65 6.22 9.95 -16.25
N PRO A 66 5.12 10.19 -16.99
CA PRO A 66 4.37 9.11 -17.63
C PRO A 66 5.26 8.39 -18.65
N LEU A 67 4.99 7.11 -18.87
CA LEU A 67 5.79 6.35 -19.81
C LEU A 67 4.93 5.99 -21.04
N ASP A 68 5.60 5.71 -22.16
CA ASP A 68 4.91 5.32 -23.39
C ASP A 68 5.55 4.02 -23.89
N ARG A 69 4.82 2.93 -23.69
CA ARG A 69 5.30 1.61 -24.08
C ARG A 69 5.75 1.59 -25.52
N GLU A 70 4.99 2.29 -26.37
CA GLU A 70 5.27 2.36 -27.78
C GLU A 70 6.61 3.01 -28.10
N ARG A 71 7.06 3.96 -27.28
CA ARG A 71 8.36 4.57 -27.57
C ARG A 71 9.52 3.88 -26.86
N ILE A 72 9.32 3.46 -25.62
CA ILE A 72 10.35 2.71 -24.89
C ILE A 72 9.60 1.64 -24.12
N ALA A 73 9.80 0.39 -24.48
CA ALA A 73 9.09 -0.71 -23.83
C ALA A 73 9.76 -1.23 -22.54
N THR A 74 11.08 -1.14 -22.47
CA THR A 74 11.78 -1.61 -21.27
C THR A 74 12.97 -0.73 -20.94
N TYR A 75 13.38 -0.75 -19.69
CA TYR A 75 14.52 0.02 -19.25
C TYR A 75 15.45 -0.89 -18.46
N THR A 76 16.75 -0.72 -18.66
CA THR A 76 17.72 -1.51 -17.91
C THR A 76 18.45 -0.58 -16.95
N LEU A 77 18.24 -0.80 -15.65
CA LEU A 77 18.87 -0.01 -14.60
C LEU A 77 19.83 -0.90 -13.83
N PHE A 78 20.73 -0.26 -13.10
CA PHE A 78 21.67 -0.96 -12.26
C PHE A 78 21.64 -0.25 -10.90
N SER A 79 21.39 -0.99 -9.82
CA SER A 79 21.33 -0.36 -8.50
C SER A 79 22.71 -0.54 -7.86
N HIS A 80 23.08 0.40 -7.00
CA HIS A 80 24.36 0.40 -6.34
C HIS A 80 24.15 0.68 -4.85
N ALA A 81 25.02 0.14 -4.00
CA ALA A 81 24.88 0.36 -2.57
C ALA A 81 26.26 0.56 -1.94
N VAL A 82 26.39 1.63 -1.15
CA VAL A 82 27.63 1.96 -0.47
C VAL A 82 27.47 2.31 1.01
N SER A 83 28.58 2.19 1.74
CA SER A 83 28.65 2.53 3.16
C SER A 83 28.86 4.03 3.27
N SER A 84 28.85 4.53 4.51
CA SER A 84 29.05 5.95 4.74
C SER A 84 30.39 6.44 4.20
N ASN A 85 31.40 5.56 4.14
CA ASN A 85 32.69 5.99 3.63
C ASN A 85 32.81 5.87 2.09
N GLY A 86 31.71 5.54 1.42
CA GLY A 86 31.73 5.42 -0.04
C GLY A 86 32.15 4.07 -0.57
N ASN A 87 32.60 3.17 0.31
CA ASN A 87 33.01 1.84 -0.14
C ASN A 87 31.75 1.02 -0.46
N ALA A 88 31.84 0.19 -1.49
CA ALA A 88 30.71 -0.61 -1.92
C ALA A 88 30.39 -1.70 -0.92
N VAL A 89 29.10 -1.97 -0.70
CA VAL A 89 28.69 -3.06 0.17
C VAL A 89 27.97 -4.13 -0.70
N GLU A 90 27.80 -3.83 -1.98
CA GLU A 90 27.19 -4.76 -2.96
C GLU A 90 27.81 -4.47 -4.32
N ASP A 91 27.80 -5.47 -5.20
CA ASP A 91 28.23 -5.27 -6.59
C ASP A 91 26.93 -4.77 -7.24
N PRO A 92 27.01 -4.10 -8.41
CA PRO A 92 25.77 -3.60 -9.02
C PRO A 92 24.82 -4.75 -9.32
N MET A 93 23.53 -4.43 -9.41
CA MET A 93 22.49 -5.41 -9.73
C MET A 93 21.65 -4.87 -10.88
N GLU A 94 21.61 -5.62 -11.98
CA GLU A 94 20.83 -5.23 -13.13
C GLU A 94 19.32 -5.43 -12.83
N ILE A 95 18.53 -4.41 -13.14
CA ILE A 95 17.09 -4.42 -12.92
C ILE A 95 16.37 -4.06 -14.21
N LEU A 96 15.60 -5.01 -14.73
CA LEU A 96 14.87 -4.78 -15.97
C LEU A 96 13.42 -4.37 -15.69
N ILE A 97 13.06 -3.16 -16.13
CA ILE A 97 11.70 -2.68 -15.92
C ILE A 97 10.94 -2.71 -17.25
N THR A 98 9.84 -3.47 -17.30
CA THR A 98 9.04 -3.57 -18.51
C THR A 98 7.81 -2.68 -18.35
N VAL A 99 7.50 -1.86 -19.35
CA VAL A 99 6.35 -0.98 -19.28
C VAL A 99 5.14 -1.76 -19.75
N THR A 100 4.14 -1.88 -18.89
CA THR A 100 2.89 -2.57 -19.22
C THR A 100 2.07 -1.71 -20.19
N ASP A 101 1.52 -2.32 -21.25
CA ASP A 101 0.72 -1.56 -22.22
C ASP A 101 -0.71 -1.34 -21.75
N MET B 1 -13.17 25.17 -0.28
CA MET B 1 -12.75 24.02 0.56
C MET B 1 -12.67 22.81 -0.34
N ASP B 2 -11.46 22.50 -0.79
CA ASP B 2 -11.27 21.36 -1.67
C ASP B 2 -10.16 20.46 -1.17
N TRP B 3 -9.83 20.59 0.11
CA TRP B 3 -8.79 19.77 0.71
C TRP B 3 -9.27 18.31 0.74
N VAL B 4 -8.34 17.36 0.64
CA VAL B 4 -8.66 15.94 0.69
C VAL B 4 -7.58 15.35 1.59
N ILE B 5 -7.95 14.98 2.82
CA ILE B 5 -7.00 14.46 3.80
C ILE B 5 -7.26 13.01 4.19
N PRO B 6 -6.34 12.07 3.81
CA PRO B 6 -6.60 10.67 4.19
C PRO B 6 -6.38 10.49 5.69
N PRO B 7 -6.83 9.35 6.25
CA PRO B 7 -6.68 9.06 7.68
C PRO B 7 -5.22 8.84 8.04
N ILE B 8 -4.74 9.57 9.04
CA ILE B 8 -3.35 9.50 9.45
C ILE B 8 -3.23 8.77 10.76
N SER B 9 -2.46 7.69 10.75
CA SER B 9 -2.24 6.92 11.96
C SER B 9 -0.74 6.66 11.99
N LEU B 10 -0.11 6.80 13.14
CA LEU B 10 1.31 6.51 13.20
C LEU B 10 1.81 6.18 14.59
N PRO B 11 2.37 4.96 14.72
CA PRO B 11 2.91 4.44 15.98
C PRO B 11 4.22 5.09 16.34
N GLU B 12 4.52 5.11 17.64
CA GLU B 12 5.79 5.67 18.09
C GLU B 12 6.82 4.56 17.86
N ASN B 13 8.09 4.89 18.03
CA ASN B 13 9.19 3.94 17.89
C ASN B 13 9.36 3.28 16.53
N GLU B 14 8.97 3.95 15.46
CA GLU B 14 9.12 3.32 14.15
C GLU B 14 10.58 3.18 13.74
N LYS B 15 10.83 2.12 12.98
CA LYS B 15 12.14 1.79 12.45
C LYS B 15 12.26 2.37 11.02
N GLY B 16 13.42 2.92 10.70
CA GLY B 16 13.63 3.49 9.39
C GLY B 16 13.93 2.46 8.31
N PRO B 17 14.66 2.85 7.24
CA PRO B 17 15.19 4.19 7.04
C PRO B 17 14.09 5.24 6.91
N PHE B 18 14.48 6.49 7.09
CA PHE B 18 13.59 7.63 6.99
C PHE B 18 14.08 8.48 5.82
N PRO B 19 13.23 9.36 5.29
CA PRO B 19 11.86 9.62 5.73
C PRO B 19 10.89 8.51 5.30
N LYS B 20 9.74 8.45 5.98
CA LYS B 20 8.71 7.45 5.67
C LYS B 20 7.38 8.14 5.36
N ASN B 21 6.71 7.66 4.30
CA ASN B 21 5.44 8.22 3.88
C ASN B 21 4.36 8.06 4.92
N LEU B 22 3.51 9.08 5.05
CA LEU B 22 2.38 9.01 5.96
C LEU B 22 1.15 8.88 5.08
N VAL B 23 0.72 9.98 4.48
CA VAL B 23 -0.42 9.98 3.58
C VAL B 23 -0.16 11.06 2.56
N GLN B 24 -0.88 10.96 1.45
CA GLN B 24 -0.79 11.93 0.37
C GLN B 24 -2.03 12.84 0.45
N ILE B 25 -1.80 14.11 0.76
CA ILE B 25 -2.93 15.04 0.82
C ILE B 25 -3.02 15.71 -0.51
N LYS B 26 -4.15 16.35 -0.78
CA LYS B 26 -4.28 17.07 -2.02
C LYS B 26 -5.44 18.02 -1.96
N SER B 27 -5.46 18.93 -2.93
CA SER B 27 -6.55 19.88 -3.09
C SER B 27 -7.18 19.51 -4.42
N ASN B 28 -8.51 19.44 -4.48
CA ASN B 28 -9.16 19.13 -5.75
C ASN B 28 -8.97 20.27 -6.75
N LYS B 29 -8.31 21.35 -6.33
CA LYS B 29 -8.02 22.42 -7.24
C LYS B 29 -6.94 21.89 -8.22
N ASP B 30 -6.32 20.77 -7.90
CA ASP B 30 -5.31 20.23 -8.80
C ASP B 30 -5.98 19.71 -10.08
N LYS B 31 -7.29 19.88 -10.16
CA LYS B 31 -8.03 19.44 -11.34
C LYS B 31 -7.95 20.53 -12.40
N GLU B 32 -7.67 21.75 -11.96
CA GLU B 32 -7.56 22.90 -12.86
C GLU B 32 -6.10 23.10 -13.24
N GLY B 33 -5.22 22.71 -12.33
CA GLY B 33 -3.79 22.84 -12.60
C GLY B 33 -2.97 22.30 -11.45
N LYS B 34 -1.68 22.09 -11.70
CA LYS B 34 -0.78 21.57 -10.67
C LYS B 34 -0.77 22.48 -9.47
N VAL B 35 -0.74 21.86 -8.29
CA VAL B 35 -0.76 22.56 -7.01
C VAL B 35 0.49 22.17 -6.26
N PHE B 36 0.97 23.09 -5.42
CA PHE B 36 2.17 22.83 -4.62
C PHE B 36 1.86 23.01 -3.16
N TYR B 37 2.33 22.04 -2.37
CA TYR B 37 2.05 21.97 -0.93
C TYR B 37 3.21 22.24 0.03
N SER B 38 2.85 22.69 1.22
CA SER B 38 3.81 22.95 2.26
C SER B 38 3.07 22.81 3.57
N ILE B 39 3.80 22.68 4.67
CA ILE B 39 3.19 22.58 5.98
C ILE B 39 3.90 23.49 6.98
N THR B 40 3.18 23.96 7.99
CA THR B 40 3.74 24.78 9.05
C THR B 40 3.27 24.18 10.38
N GLY B 41 3.83 24.68 11.48
CA GLY B 41 3.45 24.19 12.80
C GLY B 41 4.56 23.55 13.59
N GLN B 42 4.30 23.25 14.86
CA GLN B 42 5.32 22.62 15.69
C GLN B 42 5.56 21.16 15.25
N GLY B 43 6.79 20.88 14.84
CA GLY B 43 7.11 19.55 14.35
C GLY B 43 7.44 19.72 12.88
N ALA B 44 6.96 20.83 12.32
CA ALA B 44 7.23 21.12 10.92
C ALA B 44 8.29 22.24 10.81
N ASP B 45 7.85 23.48 10.82
CA ASP B 45 8.77 24.60 10.69
C ASP B 45 9.13 25.26 12.01
N THR B 46 8.59 24.74 13.10
CA THR B 46 8.91 25.27 14.42
C THR B 46 9.22 24.06 15.30
N PRO B 47 10.08 24.23 16.30
CA PRO B 47 10.48 23.16 17.23
C PRO B 47 9.38 22.22 17.69
N PRO B 48 9.59 20.91 17.55
CA PRO B 48 10.80 20.26 16.98
C PRO B 48 10.80 20.34 15.44
N VAL B 49 11.68 21.17 14.89
CA VAL B 49 11.75 21.38 13.45
C VAL B 49 12.04 20.14 12.62
N GLY B 50 11.40 20.08 11.45
CA GLY B 50 11.60 18.98 10.51
C GLY B 50 11.19 17.57 10.85
N VAL B 51 10.46 17.35 11.94
CA VAL B 51 10.03 15.98 12.24
C VAL B 51 9.03 15.53 11.16
N PHE B 52 8.26 16.48 10.67
CA PHE B 52 7.30 16.22 9.58
C PHE B 52 7.68 17.12 8.43
N ILE B 53 7.60 16.57 7.22
CA ILE B 53 7.87 17.36 6.03
C ILE B 53 6.83 16.96 4.98
N ILE B 54 6.68 17.75 3.94
CA ILE B 54 5.75 17.41 2.89
C ILE B 54 6.42 17.59 1.53
N GLU B 55 6.25 16.62 0.65
CA GLU B 55 6.83 16.72 -0.68
C GLU B 55 5.99 17.77 -1.41
N ARG B 56 6.63 18.87 -1.78
CA ARG B 56 5.96 19.99 -2.40
C ARG B 56 5.14 19.70 -3.65
N GLU B 57 5.67 18.87 -4.55
CA GLU B 57 4.93 18.57 -5.77
C GLU B 57 3.91 17.44 -5.65
N THR B 58 4.08 16.56 -4.67
CA THR B 58 3.17 15.43 -4.58
C THR B 58 2.16 15.47 -3.45
N GLY B 59 2.48 16.23 -2.40
CA GLY B 59 1.56 16.31 -1.27
C GLY B 59 1.80 15.16 -0.31
N TRP B 60 2.86 14.40 -0.54
CA TRP B 60 3.17 13.30 0.35
C TRP B 60 3.74 13.82 1.67
N LEU B 61 2.94 13.69 2.72
CA LEU B 61 3.36 14.07 4.08
C LEU B 61 4.20 12.89 4.62
N LYS B 62 5.37 13.20 5.16
CA LYS B 62 6.28 12.18 5.68
C LYS B 62 6.82 12.51 7.09
N VAL B 63 7.21 11.47 7.81
CA VAL B 63 7.80 11.64 9.13
C VAL B 63 9.31 11.29 8.96
N THR B 64 10.18 12.09 9.56
CA THR B 64 11.62 11.94 9.41
C THR B 64 12.42 11.23 10.49
N GLU B 65 11.77 10.76 11.55
CA GLU B 65 12.51 10.10 12.63
C GLU B 65 11.52 9.36 13.51
N PRO B 66 12.00 8.47 14.38
CA PRO B 66 11.09 7.73 15.25
C PRO B 66 10.41 8.69 16.23
N LEU B 67 9.22 8.33 16.71
CA LEU B 67 8.51 9.19 17.64
C LEU B 67 8.40 8.53 18.99
N ASP B 68 8.20 9.34 20.02
CA ASP B 68 8.07 8.86 21.40
C ASP B 68 6.82 9.49 22.00
N ARG B 69 5.79 8.66 22.14
CA ARG B 69 4.49 9.04 22.68
C ARG B 69 4.60 9.77 24.03
N GLU B 70 5.50 9.31 24.89
CA GLU B 70 5.69 9.91 26.20
C GLU B 70 6.39 11.25 26.13
N ARG B 71 7.08 11.52 25.03
CA ARG B 71 7.75 12.80 24.87
C ARG B 71 6.75 13.82 24.31
N ILE B 72 6.18 13.50 23.14
CA ILE B 72 5.20 14.37 22.50
C ILE B 72 4.06 13.49 22.00
N ALA B 73 2.90 13.64 22.62
CA ALA B 73 1.71 12.85 22.31
C ALA B 73 0.99 13.18 21.01
N THR B 74 1.00 14.46 20.64
CA THR B 74 0.32 14.86 19.41
C THR B 74 1.00 16.05 18.77
N TYR B 75 0.74 16.22 17.48
CA TYR B 75 1.27 17.34 16.72
C TYR B 75 0.13 18.01 15.96
N THR B 76 0.18 19.32 15.92
CA THR B 76 -0.80 20.07 15.18
C THR B 76 -0.07 20.75 14.03
N LEU B 77 -0.38 20.32 12.81
CA LEU B 77 0.25 20.89 11.61
C LEU B 77 -0.79 21.65 10.81
N PHE B 78 -0.34 22.50 9.90
CA PHE B 78 -1.24 23.23 9.03
C PHE B 78 -0.75 23.00 7.62
N SER B 79 -1.63 22.62 6.70
CA SER B 79 -1.22 22.39 5.31
C SER B 79 -1.62 23.59 4.46
N HIS B 80 -0.82 23.88 3.43
CA HIS B 80 -1.06 25.02 2.55
C HIS B 80 -0.97 24.54 1.13
N ALA B 81 -1.70 25.19 0.23
CA ALA B 81 -1.70 24.85 -1.18
C ALA B 81 -1.67 26.11 -2.05
N VAL B 82 -0.78 26.10 -3.04
CA VAL B 82 -0.63 27.21 -3.96
C VAL B 82 -0.53 26.75 -5.42
N SER B 83 -0.81 27.68 -6.33
CA SER B 83 -0.77 27.40 -7.76
C SER B 83 0.64 27.71 -8.29
N SER B 84 0.84 27.57 -9.61
CA SER B 84 2.14 27.88 -10.22
C SER B 84 2.60 29.28 -9.85
N ASN B 85 1.69 30.24 -9.95
CA ASN B 85 1.98 31.64 -9.66
C ASN B 85 2.16 31.94 -8.18
N GLY B 86 2.26 30.90 -7.36
CA GLY B 86 2.45 31.10 -5.93
C GLY B 86 1.23 31.56 -5.15
N ASN B 87 0.09 31.68 -5.83
CA ASN B 87 -1.12 32.12 -5.15
C ASN B 87 -1.86 30.96 -4.49
N ALA B 88 -2.35 31.19 -3.28
CA ALA B 88 -3.08 30.18 -2.51
C ALA B 88 -4.34 29.73 -3.24
N VAL B 89 -4.60 28.42 -3.20
CA VAL B 89 -5.78 27.83 -3.83
C VAL B 89 -6.70 27.23 -2.75
N GLU B 90 -6.25 27.31 -1.50
CA GLU B 90 -6.99 26.82 -0.32
C GLU B 90 -6.57 27.67 0.88
N ASP B 91 -7.39 27.67 1.93
CA ASP B 91 -7.02 28.33 3.17
C ASP B 91 -6.29 27.20 3.92
N PRO B 92 -5.39 27.53 4.85
CA PRO B 92 -4.67 26.51 5.59
C PRO B 92 -5.63 25.51 6.21
N MET B 93 -5.16 24.28 6.37
CA MET B 93 -5.98 23.24 6.96
C MET B 93 -5.23 22.66 8.15
N GLU B 94 -5.89 22.74 9.29
CA GLU B 94 -5.31 22.23 10.51
C GLU B 94 -5.42 20.70 10.50
N ILE B 95 -4.31 20.05 10.86
CA ILE B 95 -4.19 18.59 10.88
C ILE B 95 -3.62 18.14 12.22
N LEU B 96 -4.43 17.42 13.01
CA LEU B 96 -3.99 16.94 14.31
C LEU B 96 -3.52 15.49 14.16
N ILE B 97 -2.29 15.24 14.54
CA ILE B 97 -1.72 13.90 14.44
C ILE B 97 -1.44 13.38 15.82
N THR B 98 -2.08 12.27 16.16
CA THR B 98 -1.90 11.63 17.45
C THR B 98 -0.94 10.45 17.30
N VAL B 99 0.07 10.39 18.15
CA VAL B 99 1.04 9.29 18.10
C VAL B 99 0.44 8.08 18.82
N THR B 100 0.29 6.96 18.12
CA THR B 100 -0.29 5.79 18.76
C THR B 100 0.70 5.07 19.69
N CYS C 1 -13.89 -23.87 6.69
CA CYS C 1 -13.64 -22.61 5.92
C CYS C 1 -14.15 -21.43 6.77
N PRO C 2 -13.36 -21.08 7.79
CA PRO C 2 -13.54 -20.03 8.80
C PRO C 2 -13.41 -18.60 8.34
N ILE C 3 -13.84 -17.69 9.21
CA ILE C 3 -13.80 -16.27 8.93
C ILE C 3 -12.41 -15.88 8.41
N LEU C 4 -12.41 -15.02 7.38
CA LEU C 4 -11.21 -14.55 6.71
C LEU C 4 -10.77 -15.52 5.62
N TRP C 5 -11.34 -16.72 5.62
CA TRP C 5 -11.03 -17.68 4.56
C TRP C 5 -12.23 -17.59 3.61
N THR C 6 -12.02 -17.90 2.33
CA THR C 6 -13.12 -17.80 1.37
C THR C 6 -13.23 -19.13 0.63
N ARG C 7 -14.45 -19.52 0.28
CA ARG C 7 -14.67 -20.79 -0.39
C ARG C 7 -15.08 -20.70 -1.86
N ASN C 8 -14.64 -21.71 -2.60
CA ASN C 8 -14.97 -21.85 -4.01
C ASN C 8 -14.91 -23.35 -4.29
N GLY C 9 -16.07 -23.94 -4.51
CA GLY C 9 -16.14 -25.36 -4.76
C GLY C 9 -15.72 -26.13 -3.53
N SER C 10 -14.78 -27.05 -3.71
CA SER C 10 -14.28 -27.88 -2.63
C SER C 10 -13.01 -27.29 -2.02
N HIS C 11 -12.66 -26.08 -2.45
CA HIS C 11 -11.45 -25.40 -1.96
C HIS C 11 -11.70 -24.19 -1.06
N CYS C 12 -10.87 -24.07 -0.04
CA CYS C 12 -10.95 -22.95 0.89
C CYS C 12 -9.61 -22.20 0.77
N TYR C 13 -9.70 -20.89 0.53
CA TYR C 13 -8.52 -20.03 0.35
C TYR C 13 -8.40 -18.93 1.39
N TYR C 14 -7.16 -18.50 1.64
CA TYR C 14 -6.86 -17.40 2.56
C TYR C 14 -6.03 -16.36 1.80
N PHE C 15 -6.67 -15.23 1.49
CA PHE C 15 -6.01 -14.11 0.81
C PHE C 15 -5.64 -13.22 1.99
N SER C 16 -4.35 -13.19 2.34
CA SER C 16 -3.94 -12.42 3.51
C SER C 16 -4.10 -10.91 3.38
N MET C 17 -4.21 -10.27 4.52
CA MET C 17 -4.31 -8.83 4.58
C MET C 17 -2.91 -8.34 4.95
N GLU C 18 -2.26 -9.10 5.83
CA GLU C 18 -0.91 -8.80 6.31
C GLU C 18 0.15 -9.21 5.26
N LYS C 19 1.40 -8.84 5.53
CA LYS C 19 2.51 -9.17 4.62
C LYS C 19 3.60 -9.94 5.36
N LYS C 20 4.24 -10.87 4.66
CA LYS C 20 5.32 -11.68 5.25
C LYS C 20 6.31 -12.07 4.14
N ASP C 21 7.55 -12.40 4.50
CA ASP C 21 8.49 -12.84 3.48
C ASP C 21 8.05 -14.21 3.02
N TRP C 22 8.69 -14.74 1.98
CA TRP C 22 8.24 -16.01 1.45
C TRP C 22 8.31 -17.19 2.41
N ASN C 23 9.45 -17.40 3.08
CA ASN C 23 9.58 -18.49 4.05
C ASN C 23 8.50 -18.43 5.16
N SER C 24 8.23 -17.23 5.67
CA SER C 24 7.23 -17.08 6.71
C SER C 24 5.81 -17.29 6.21
N SER C 25 5.55 -16.97 4.93
CA SER C 25 4.21 -17.17 4.38
C SER C 25 3.99 -18.68 4.21
N LEU C 26 5.05 -19.38 3.77
CA LEU C 26 5.00 -20.83 3.60
C LEU C 26 4.71 -21.45 4.98
N LYS C 27 5.45 -21.01 5.99
CA LYS C 27 5.26 -21.51 7.35
C LYS C 27 3.85 -21.26 7.91
N PHE C 28 3.29 -20.09 7.61
CA PHE C 28 1.93 -19.72 8.05
C PHE C 28 0.88 -20.68 7.51
N CYS C 29 0.94 -20.97 6.21
CA CYS C 29 -0.06 -21.86 5.64
C CYS C 29 0.07 -23.24 6.29
N ALA C 30 1.30 -23.71 6.46
CA ALA C 30 1.56 -25.00 7.10
C ALA C 30 0.99 -25.00 8.55
N ASP C 31 1.25 -23.94 9.31
CA ASP C 31 0.71 -23.86 10.68
C ASP C 31 -0.83 -23.92 10.68
N LYS C 32 -1.43 -23.56 9.55
CA LYS C 32 -2.89 -23.54 9.43
C LYS C 32 -3.44 -24.77 8.73
N GLY C 33 -2.61 -25.79 8.58
CA GLY C 33 -3.05 -27.00 7.91
C GLY C 33 -3.39 -26.78 6.45
N SER C 34 -2.61 -25.92 5.79
CA SER C 34 -2.84 -25.68 4.38
C SER C 34 -1.48 -25.50 3.71
N HIS C 35 -1.48 -25.01 2.49
CA HIS C 35 -0.22 -24.80 1.76
C HIS C 35 -0.32 -23.56 0.90
N LEU C 36 0.83 -22.96 0.60
CA LEU C 36 0.85 -21.78 -0.26
C LEU C 36 0.31 -22.25 -1.60
N LEU C 37 -0.51 -21.41 -2.21
CA LEU C 37 -1.14 -21.73 -3.48
C LEU C 37 -0.18 -22.17 -4.57
N THR C 38 -0.55 -23.21 -5.31
CA THR C 38 0.24 -23.68 -6.44
C THR C 38 -0.71 -23.93 -7.61
N PHE C 39 -0.15 -23.96 -8.81
CA PHE C 39 -0.89 -24.27 -10.04
C PHE C 39 -0.02 -25.37 -10.67
N PRO C 40 0.01 -26.57 -10.04
CA PRO C 40 0.81 -27.70 -10.50
C PRO C 40 0.55 -28.21 -11.91
N ASP C 41 -0.59 -27.86 -12.47
CA ASP C 41 -0.91 -28.26 -13.83
C ASP C 41 -0.50 -27.13 -14.78
N ASN C 42 0.08 -26.07 -14.25
CA ASN C 42 0.48 -24.93 -15.05
C ASN C 42 -0.73 -24.40 -15.81
N GLN C 43 -1.87 -24.43 -15.14
CA GLN C 43 -3.11 -23.93 -15.71
C GLN C 43 -3.89 -23.15 -14.67
N GLY C 44 -4.70 -22.19 -15.11
CA GLY C 44 -5.54 -21.43 -14.21
C GLY C 44 -5.07 -20.10 -13.68
N VAL C 45 -3.83 -19.72 -14.00
CA VAL C 45 -3.27 -18.46 -13.48
C VAL C 45 -4.05 -17.24 -13.98
N LYS C 46 -4.32 -17.22 -15.28
CA LYS C 46 -5.06 -16.12 -15.90
C LYS C 46 -6.42 -15.94 -15.23
N LEU C 47 -7.21 -17.02 -15.19
CA LEU C 47 -8.52 -16.96 -14.57
C LEU C 47 -8.43 -16.53 -13.10
N PHE C 48 -7.47 -17.08 -12.37
CA PHE C 48 -7.34 -16.75 -10.96
C PHE C 48 -7.01 -15.26 -10.81
N GLY C 49 -6.44 -14.68 -11.86
CA GLY C 49 -6.07 -13.27 -11.84
C GLY C 49 -7.22 -12.37 -11.45
N GLU C 50 -8.44 -12.81 -11.69
CA GLU C 50 -9.62 -12.02 -11.35
C GLU C 50 -9.80 -11.84 -9.84
N TYR C 51 -9.44 -12.86 -9.07
CA TYR C 51 -9.60 -12.78 -7.63
C TYR C 51 -8.52 -11.93 -6.98
N LEU C 52 -7.77 -11.23 -7.82
CA LEU C 52 -6.69 -10.41 -7.31
C LEU C 52 -6.91 -8.98 -7.76
N GLY C 53 -6.89 -8.08 -6.80
CA GLY C 53 -7.00 -6.67 -7.12
C GLY C 53 -5.73 -6.33 -7.87
N GLN C 54 -4.95 -5.40 -7.34
CA GLN C 54 -3.71 -4.95 -7.97
C GLN C 54 -2.46 -5.36 -7.18
N ASP C 55 -2.62 -6.10 -6.10
CA ASP C 55 -1.45 -6.47 -5.30
C ASP C 55 -0.79 -7.77 -5.73
N PHE C 56 0.45 -7.97 -5.28
CA PHE C 56 1.21 -9.19 -5.55
C PHE C 56 1.01 -10.12 -4.35
N TYR C 57 0.76 -11.40 -4.61
CA TYR C 57 0.63 -12.38 -3.53
C TYR C 57 1.64 -13.50 -3.67
N TRP C 58 2.31 -13.85 -2.58
CA TRP C 58 3.24 -14.96 -2.59
C TRP C 58 2.46 -16.26 -2.88
N ILE C 59 3.02 -17.13 -3.72
CA ILE C 59 2.42 -18.44 -3.96
C ILE C 59 3.56 -19.47 -3.81
N GLY C 60 3.26 -20.76 -3.91
CA GLY C 60 4.30 -21.77 -3.76
C GLY C 60 5.13 -22.04 -5.01
N LEU C 61 5.93 -21.06 -5.41
CA LEU C 61 6.74 -21.18 -6.63
C LEU C 61 8.14 -20.64 -6.27
N ARG C 62 9.15 -21.42 -6.62
CA ARG C 62 10.50 -21.09 -6.20
C ARG C 62 11.54 -21.36 -7.26
N ASN C 63 12.62 -20.58 -7.27
CA ASN C 63 13.70 -20.73 -8.25
C ASN C 63 15.08 -20.95 -7.62
N ILE C 64 15.39 -22.21 -7.33
CA ILE C 64 16.70 -22.57 -6.77
C ILE C 64 17.67 -22.76 -7.96
N ASP C 65 17.36 -23.73 -8.81
CA ASP C 65 18.17 -23.97 -10.01
C ASP C 65 17.26 -23.89 -11.25
N GLY C 66 16.03 -23.43 -11.05
CA GLY C 66 15.02 -23.34 -12.11
C GLY C 66 13.68 -23.17 -11.38
N TRP C 67 12.66 -22.62 -12.05
CA TRP C 67 11.34 -22.40 -11.43
C TRP C 67 10.56 -23.67 -11.25
N ARG C 68 10.14 -23.93 -10.02
CA ARG C 68 9.37 -25.12 -9.69
C ARG C 68 8.25 -24.86 -8.72
N TRP C 69 7.13 -25.53 -8.95
CA TRP C 69 5.99 -25.44 -8.06
C TRP C 69 6.33 -26.28 -6.82
N GLU C 70 6.02 -25.78 -5.64
CA GLU C 70 6.27 -26.51 -4.38
C GLU C 70 5.56 -27.85 -4.50
N GLY C 71 6.31 -28.94 -4.32
CA GLY C 71 5.76 -30.28 -4.41
C GLY C 71 5.01 -30.47 -5.70
N GLY C 72 5.52 -29.84 -6.76
CA GLY C 72 4.86 -29.95 -8.05
C GLY C 72 5.90 -30.00 -9.13
N PRO C 73 5.48 -29.92 -10.39
CA PRO C 73 6.45 -29.96 -11.48
C PRO C 73 7.10 -28.62 -11.78
N ALA C 74 7.93 -28.64 -12.81
CA ALA C 74 8.59 -27.43 -13.29
C ALA C 74 7.53 -26.42 -13.78
N LEU C 75 7.83 -25.13 -13.62
CA LEU C 75 6.95 -24.04 -14.09
C LEU C 75 7.03 -24.04 -15.60
N SER C 76 5.91 -23.91 -16.31
CA SER C 76 6.01 -23.84 -17.77
C SER C 76 5.30 -22.61 -18.32
N LEU C 77 4.91 -21.73 -17.39
CA LEU C 77 4.23 -20.48 -17.69
C LEU C 77 5.23 -19.30 -17.65
N ARG C 78 4.84 -18.18 -18.27
CA ARG C 78 5.71 -16.99 -18.28
C ARG C 78 5.75 -16.42 -16.86
N ILE C 79 6.89 -15.81 -16.47
CA ILE C 79 6.99 -15.17 -15.15
C ILE C 79 7.88 -13.94 -15.33
N LEU C 80 7.25 -12.77 -15.17
CA LEU C 80 7.94 -11.48 -15.32
C LEU C 80 9.01 -11.38 -14.25
N THR C 81 10.23 -11.03 -14.68
CA THR C 81 11.38 -10.96 -13.76
C THR C 81 12.16 -9.66 -13.93
N ASN C 82 12.46 -8.95 -12.84
CA ASN C 82 13.24 -7.73 -12.98
C ASN C 82 14.73 -8.03 -12.84
N SER C 83 15.05 -8.98 -11.94
CA SER C 83 16.45 -9.34 -11.68
C SER C 83 16.60 -10.81 -11.42
N LEU C 84 17.80 -11.28 -11.68
CA LEU C 84 18.18 -12.67 -11.56
C LEU C 84 18.18 -13.15 -10.12
N ILE C 85 18.21 -12.23 -9.16
CA ILE C 85 18.18 -12.68 -7.77
C ILE C 85 16.78 -12.73 -7.16
N GLN C 86 15.76 -12.49 -7.97
CA GLN C 86 14.38 -12.58 -7.48
C GLN C 86 14.07 -14.08 -7.66
N ARG C 87 14.12 -14.83 -6.56
CA ARG C 87 13.92 -16.28 -6.61
C ARG C 87 12.62 -16.86 -6.06
N CYS C 88 11.66 -16.01 -5.73
CA CYS C 88 10.39 -16.51 -5.21
C CYS C 88 9.28 -15.99 -6.14
N GLY C 89 8.22 -16.77 -6.28
CA GLY C 89 7.14 -16.40 -7.18
C GLY C 89 5.89 -15.84 -6.56
N ALA C 90 5.33 -14.82 -7.22
CA ALA C 90 4.11 -14.19 -6.74
C ALA C 90 3.17 -14.15 -7.92
N ILE C 91 1.91 -13.89 -7.62
CA ILE C 91 0.90 -13.82 -8.66
C ILE C 91 0.13 -12.51 -8.49
N HIS C 92 -0.30 -11.94 -9.60
CA HIS C 92 -1.18 -10.79 -9.49
C HIS C 92 -2.01 -10.73 -10.77
N ARG C 93 -2.90 -9.75 -10.84
CA ARG C 93 -3.80 -9.61 -11.98
C ARG C 93 -3.21 -9.99 -13.34
N ASN C 94 -2.07 -9.40 -13.67
CA ASN C 94 -1.43 -9.65 -14.95
C ASN C 94 -0.62 -10.94 -15.08
N GLY C 95 -0.65 -11.80 -14.07
CA GLY C 95 0.12 -13.02 -14.22
C GLY C 95 1.18 -13.25 -13.15
N LEU C 96 2.11 -14.16 -13.42
CA LEU C 96 3.15 -14.48 -12.46
C LEU C 96 4.29 -13.46 -12.52
N GLN C 97 4.89 -13.20 -11.36
CA GLN C 97 6.02 -12.29 -11.30
C GLN C 97 7.01 -12.69 -10.18
N ALA C 98 8.30 -12.56 -10.47
CA ALA C 98 9.36 -12.90 -9.52
C ALA C 98 9.62 -11.77 -8.53
N SER C 99 10.07 -12.15 -7.33
CA SER C 99 10.41 -11.20 -6.29
C SER C 99 11.50 -11.79 -5.40
N SER C 100 12.29 -10.93 -4.76
CA SER C 100 13.30 -11.43 -3.83
C SER C 100 12.51 -12.08 -2.69
N CYS C 101 13.02 -13.23 -2.24
CA CYS C 101 12.35 -14.01 -1.19
C CYS C 101 12.18 -13.30 0.16
N GLU C 102 13.02 -12.30 0.42
CA GLU C 102 12.96 -11.56 1.67
C GLU C 102 11.90 -10.47 1.73
N VAL C 103 11.29 -10.14 0.59
CA VAL C 103 10.30 -9.08 0.53
C VAL C 103 9.01 -9.43 1.23
N ALA C 104 8.46 -8.51 2.01
CA ALA C 104 7.17 -8.82 2.66
C ALA C 104 6.03 -8.52 1.69
N LEU C 105 5.24 -9.55 1.38
CA LEU C 105 4.09 -9.42 0.47
C LEU C 105 2.93 -10.18 1.10
N GLN C 106 1.71 -9.89 0.65
CA GLN C 106 0.57 -10.68 1.11
C GLN C 106 0.79 -12.09 0.49
N TRP C 107 0.01 -13.07 0.93
CA TRP C 107 0.15 -14.44 0.41
C TRP C 107 -1.21 -15.12 0.35
N ILE C 108 -1.27 -16.26 -0.34
CA ILE C 108 -2.50 -16.99 -0.50
C ILE C 108 -2.31 -18.45 -0.07
N CYS C 109 -3.12 -18.89 0.89
CA CYS C 109 -3.07 -20.29 1.33
C CYS C 109 -4.26 -20.98 0.69
N LYS C 110 -4.13 -22.30 0.51
CA LYS C 110 -5.20 -23.10 -0.07
C LYS C 110 -5.37 -24.37 0.78
N LYS C 111 -6.63 -24.72 1.05
CA LYS C 111 -6.95 -25.93 1.82
C LYS C 111 -8.01 -26.74 1.05
N CYS D 1 -21.43 -18.36 1.20
CA CYS D 1 -21.34 -17.14 0.33
C CYS D 1 -20.24 -17.28 -0.73
N PRO D 2 -20.38 -16.56 -1.85
CA PRO D 2 -19.48 -16.54 -3.02
C PRO D 2 -18.00 -16.33 -2.78
N ILE D 3 -17.19 -16.70 -3.77
CA ILE D 3 -15.74 -16.53 -3.66
C ILE D 3 -15.39 -15.04 -3.49
N LEU D 4 -14.43 -14.79 -2.60
CA LEU D 4 -13.93 -13.47 -2.23
C LEU D 4 -14.69 -12.92 -1.03
N TRP D 5 -15.77 -13.63 -0.65
CA TRP D 5 -16.57 -13.25 0.53
C TRP D 5 -16.26 -14.29 1.58
N THR D 6 -16.33 -13.86 2.83
CA THR D 6 -16.02 -14.75 3.94
C THR D 6 -17.22 -14.77 4.88
N ARG D 7 -17.42 -15.93 5.50
CA ARG D 7 -18.56 -16.15 6.38
C ARG D 7 -18.23 -16.18 7.85
N ASN D 8 -19.11 -15.61 8.65
CA ASN D 8 -18.96 -15.60 10.09
C ASN D 8 -20.35 -15.92 10.63
N GLY D 9 -20.62 -17.21 10.79
CA GLY D 9 -21.92 -17.64 11.27
C GLY D 9 -22.97 -17.32 10.23
N SER D 10 -23.86 -16.40 10.58
CA SER D 10 -24.94 -15.97 9.71
C SER D 10 -24.52 -14.81 8.81
N HIS D 11 -23.37 -14.22 9.11
CA HIS D 11 -22.88 -13.07 8.37
C HIS D 11 -21.87 -13.37 7.26
N CYS D 12 -22.11 -12.76 6.11
CA CYS D 12 -21.23 -12.89 4.95
C CYS D 12 -20.58 -11.51 4.72
N TYR D 13 -19.24 -11.47 4.70
CA TYR D 13 -18.56 -10.21 4.51
C TYR D 13 -17.65 -10.16 3.29
N TYR D 14 -17.45 -8.95 2.79
CA TYR D 14 -16.55 -8.73 1.66
C TYR D 14 -15.50 -7.70 2.10
N PHE D 15 -14.26 -8.15 2.32
CA PHE D 15 -13.15 -7.26 2.71
C PHE D 15 -12.46 -7.00 1.36
N SER D 16 -12.69 -5.84 0.76
CA SER D 16 -12.14 -5.57 -0.56
C SER D 16 -10.63 -5.59 -0.64
N MET D 17 -10.11 -5.86 -1.84
CA MET D 17 -8.68 -5.84 -2.07
C MET D 17 -8.38 -4.50 -2.71
N GLU D 18 -9.29 -4.06 -3.57
CA GLU D 18 -9.18 -2.80 -4.29
C GLU D 18 -9.60 -1.63 -3.38
N LYS D 19 -9.35 -0.42 -3.85
CA LYS D 19 -9.68 0.82 -3.12
C LYS D 19 -10.61 1.68 -3.97
N LYS D 20 -11.58 2.33 -3.30
CA LYS D 20 -12.55 3.20 -3.98
C LYS D 20 -12.88 4.30 -2.98
N ASP D 21 -13.42 5.43 -3.47
CA ASP D 21 -13.80 6.49 -2.54
C ASP D 21 -15.08 6.02 -1.85
N TRP D 22 -15.49 6.76 -0.82
CA TRP D 22 -16.64 6.37 -0.04
C TRP D 22 -17.92 6.12 -0.85
N ASN D 23 -18.23 7.01 -1.77
CA ASN D 23 -19.44 6.87 -2.59
C ASN D 23 -19.43 5.65 -3.49
N SER D 24 -18.30 5.35 -4.09
CA SER D 24 -18.20 4.20 -4.96
C SER D 24 -18.25 2.91 -4.15
N SER D 25 -17.73 2.95 -2.93
CA SER D 25 -17.76 1.78 -2.07
C SER D 25 -19.22 1.49 -1.70
N LEU D 26 -19.96 2.53 -1.32
CA LEU D 26 -21.36 2.38 -0.95
C LEU D 26 -22.11 1.73 -2.12
N LYS D 27 -21.85 2.24 -3.32
CA LYS D 27 -22.46 1.72 -4.54
C LYS D 27 -22.06 0.27 -4.85
N PHE D 28 -20.80 -0.09 -4.63
CA PHE D 28 -20.39 -1.45 -4.89
C PHE D 28 -21.18 -2.40 -4.01
N CYS D 29 -21.32 -2.08 -2.72
CA CYS D 29 -22.04 -2.98 -1.84
C CYS D 29 -23.52 -3.12 -2.25
N ALA D 30 -24.17 -2.01 -2.56
CA ALA D 30 -25.58 -2.04 -2.95
C ALA D 30 -25.73 -2.86 -4.21
N ASP D 31 -24.92 -2.57 -5.21
CA ASP D 31 -24.97 -3.33 -6.45
C ASP D 31 -24.77 -4.83 -6.24
N LYS D 32 -24.18 -5.22 -5.13
CA LYS D 32 -23.97 -6.64 -4.88
C LYS D 32 -24.99 -7.14 -3.86
N GLY D 33 -26.10 -6.43 -3.72
CA GLY D 33 -27.14 -6.83 -2.79
C GLY D 33 -26.65 -6.94 -1.37
N SER D 34 -25.87 -5.96 -0.94
CA SER D 34 -25.33 -5.96 0.42
C SER D 34 -25.25 -4.50 0.82
N HIS D 35 -24.63 -4.22 1.96
CA HIS D 35 -24.46 -2.83 2.37
C HIS D 35 -23.11 -2.60 3.03
N LEU D 36 -22.65 -1.36 2.99
CA LEU D 36 -21.38 -1.00 3.64
C LEU D 36 -21.55 -1.36 5.10
N LEU D 37 -20.53 -1.99 5.68
CA LEU D 37 -20.57 -2.44 7.07
C LEU D 37 -21.03 -1.36 8.06
N THR D 38 -21.95 -1.71 8.96
CA THR D 38 -22.35 -0.75 9.98
C THR D 38 -22.41 -1.44 11.33
N PHE D 39 -22.34 -0.65 12.40
CA PHE D 39 -22.44 -1.18 13.79
C PHE D 39 -23.51 -0.26 14.39
N PRO D 40 -24.77 -0.40 13.91
CA PRO D 40 -25.95 0.37 14.31
C PRO D 40 -26.31 0.39 15.78
N ASP D 41 -25.80 -0.57 16.54
CA ASP D 41 -26.06 -0.59 17.96
C ASP D 41 -24.83 -0.02 18.68
N ASN D 42 -23.89 0.48 17.89
CA ASN D 42 -22.68 1.04 18.44
C ASN D 42 -21.92 0.05 19.28
N GLN D 43 -21.94 -1.21 18.86
CA GLN D 43 -21.22 -2.25 19.58
C GLN D 43 -20.50 -3.17 18.61
N GLY D 44 -19.39 -3.76 19.07
CA GLY D 44 -18.68 -4.73 18.25
C GLY D 44 -17.49 -4.23 17.44
N VAL D 45 -17.19 -2.93 17.54
CA VAL D 45 -16.09 -2.35 16.77
C VAL D 45 -14.72 -2.88 17.22
N LYS D 46 -14.49 -2.88 18.52
CA LYS D 46 -13.21 -3.35 19.06
C LYS D 46 -13.03 -4.80 18.65
N LEU D 47 -14.06 -5.59 18.87
CA LEU D 47 -14.03 -7.01 18.53
C LEU D 47 -13.74 -7.21 17.05
N PHE D 48 -14.45 -6.47 16.20
CA PHE D 48 -14.28 -6.60 14.76
C PHE D 48 -12.87 -6.25 14.35
N GLY D 49 -12.23 -5.34 15.07
CA GLY D 49 -10.88 -4.90 14.75
C GLY D 49 -9.85 -6.02 14.62
N GLU D 50 -10.09 -7.15 15.27
CA GLU D 50 -9.17 -8.27 15.19
C GLU D 50 -9.15 -8.91 13.80
N TYR D 51 -10.03 -8.46 12.91
CA TYR D 51 -10.10 -8.96 11.54
C TYR D 51 -9.44 -8.01 10.54
N LEU D 52 -8.98 -6.87 11.01
CA LEU D 52 -8.42 -5.86 10.12
C LEU D 52 -6.93 -5.69 10.17
N GLY D 53 -6.20 -6.23 9.20
CA GLY D 53 -4.74 -6.05 9.21
C GLY D 53 -4.29 -4.69 9.80
N GLN D 54 -3.63 -3.85 9.00
CA GLN D 54 -3.21 -2.54 9.53
C GLN D 54 -3.85 -1.39 8.71
N ASP D 55 -4.52 -1.76 7.63
CA ASP D 55 -5.16 -0.78 6.77
C ASP D 55 -6.52 -0.31 7.29
N PHE D 56 -6.98 0.80 6.73
CA PHE D 56 -8.28 1.39 7.06
C PHE D 56 -9.27 0.89 6.00
N TYR D 57 -10.50 0.63 6.42
CA TYR D 57 -11.54 0.17 5.49
C TYR D 57 -12.76 1.09 5.64
N TRP D 58 -13.33 1.55 4.52
CA TRP D 58 -14.54 2.37 4.59
C TRP D 58 -15.68 1.54 5.20
N ILE D 59 -16.52 2.16 6.02
CA ILE D 59 -17.69 1.53 6.57
C ILE D 59 -18.84 2.52 6.40
N GLY D 60 -20.08 2.08 6.67
CA GLY D 60 -21.24 2.94 6.49
C GLY D 60 -21.40 3.96 7.61
N LEU D 61 -20.51 4.94 7.66
CA LEU D 61 -20.52 5.95 8.71
C LEU D 61 -20.11 7.27 8.10
N ARG D 62 -20.90 8.31 8.32
CA ARG D 62 -20.65 9.63 7.74
C ARG D 62 -21.08 10.76 8.65
N ASN D 63 -20.45 11.91 8.48
CA ASN D 63 -20.74 13.12 9.24
C ASN D 63 -21.27 14.21 8.29
N ILE D 64 -22.58 14.41 8.31
CA ILE D 64 -23.22 15.42 7.49
C ILE D 64 -23.70 16.50 8.47
N ASP D 65 -24.14 16.07 9.64
CA ASP D 65 -24.61 16.96 10.70
C ASP D 65 -24.37 16.17 11.99
N GLY D 66 -23.16 15.67 12.11
CA GLY D 66 -22.77 14.85 13.24
C GLY D 66 -22.66 13.44 12.66
N TRP D 67 -21.86 12.61 13.31
CA TRP D 67 -21.65 11.24 12.85
C TRP D 67 -22.87 10.32 12.93
N ARG D 68 -23.13 9.63 11.84
CA ARG D 68 -24.25 8.69 11.80
C ARG D 68 -24.01 7.46 11.00
N TRP D 69 -24.54 6.35 11.48
CA TRP D 69 -24.42 5.08 10.80
C TRP D 69 -25.40 5.13 9.64
N GLU D 70 -24.99 4.62 8.49
CA GLU D 70 -25.88 4.58 7.32
C GLU D 70 -27.12 3.81 7.71
N GLY D 71 -28.29 4.42 7.54
CA GLY D 71 -29.54 3.76 7.89
C GLY D 71 -29.67 3.43 9.35
N GLY D 72 -28.81 4.02 10.18
CA GLY D 72 -28.88 3.73 11.61
C GLY D 72 -28.86 5.00 12.42
N PRO D 73 -28.61 4.89 13.73
CA PRO D 73 -28.60 6.09 14.57
C PRO D 73 -27.26 6.82 14.63
N ALA D 74 -27.23 7.81 15.49
CA ALA D 74 -26.02 8.59 15.73
C ALA D 74 -24.93 7.70 16.34
N LEU D 75 -23.70 8.02 15.97
CA LEU D 75 -22.52 7.35 16.50
C LEU D 75 -22.39 7.70 18.00
N SER D 76 -22.09 6.72 18.85
CA SER D 76 -21.91 7.00 20.29
C SER D 76 -20.51 6.60 20.73
N LEU D 77 -19.70 6.21 19.75
CA LEU D 77 -18.30 5.78 19.97
C LEU D 77 -17.31 6.86 19.54
N ARG D 78 -16.07 6.74 20.02
CA ARG D 78 -15.06 7.71 19.65
C ARG D 78 -14.64 7.47 18.18
N ILE D 79 -14.29 8.55 17.47
CA ILE D 79 -13.79 8.45 16.11
C ILE D 79 -12.61 9.45 16.01
N LEU D 80 -11.41 8.92 15.87
CA LEU D 80 -10.21 9.75 15.78
C LEU D 80 -10.31 10.54 14.49
N THR D 81 -10.06 11.83 14.59
CA THR D 81 -10.18 12.77 13.48
C THR D 81 -8.94 13.64 13.33
N ASN D 82 -8.33 13.68 12.14
CA ASN D 82 -7.16 14.58 11.94
C ASN D 82 -7.58 16.01 11.59
N SER D 83 -8.62 16.13 10.75
CA SER D 83 -9.11 17.44 10.31
C SER D 83 -10.64 17.50 10.19
N LEU D 84 -11.20 18.68 10.38
CA LEU D 84 -12.64 18.84 10.32
C LEU D 84 -13.25 18.52 8.95
N ILE D 85 -12.44 18.48 7.90
CA ILE D 85 -12.96 18.19 6.55
C ILE D 85 -13.05 16.66 6.29
N GLN D 86 -12.68 15.85 7.27
CA GLN D 86 -12.76 14.40 7.07
C GLN D 86 -14.16 14.02 7.54
N ARG D 87 -15.05 13.77 6.56
CA ARG D 87 -16.45 13.48 6.89
C ARG D 87 -17.00 12.09 6.65
N CYS D 88 -16.13 11.16 6.28
CA CYS D 88 -16.56 9.80 6.08
C CYS D 88 -15.76 8.94 7.07
N GLY D 89 -16.36 7.81 7.47
CA GLY D 89 -15.77 6.94 8.47
C GLY D 89 -15.15 5.63 8.03
N ALA D 90 -14.05 5.27 8.68
CA ALA D 90 -13.36 4.03 8.37
C ALA D 90 -13.02 3.30 9.65
N ILE D 91 -12.70 2.03 9.51
CA ILE D 91 -12.34 1.22 10.66
C ILE D 91 -10.95 0.60 10.47
N HIS D 92 -10.25 0.42 11.58
CA HIS D 92 -8.98 -0.25 11.52
C HIS D 92 -8.76 -0.89 12.88
N ARG D 93 -7.69 -1.65 13.05
CA ARG D 93 -7.50 -2.36 14.29
C ARG D 93 -7.63 -1.55 15.58
N ASN D 94 -7.24 -0.29 15.56
CA ASN D 94 -7.30 0.53 16.78
C ASN D 94 -8.65 1.26 16.98
N GLY D 95 -9.61 1.04 16.09
CA GLY D 95 -10.90 1.69 16.27
C GLY D 95 -11.37 2.47 15.04
N LEU D 96 -12.27 3.41 15.27
CA LEU D 96 -12.81 4.19 14.17
C LEU D 96 -11.97 5.43 13.88
N GLN D 97 -11.89 5.79 12.60
CA GLN D 97 -11.10 6.94 12.18
C GLN D 97 -11.79 7.65 10.99
N ALA D 98 -11.72 8.99 10.99
CA ALA D 98 -12.31 9.79 9.90
C ALA D 98 -11.31 9.94 8.74
N SER D 99 -11.86 10.14 7.54
CA SER D 99 -11.06 10.35 6.36
C SER D 99 -11.91 11.19 5.43
N SER D 100 -11.26 11.95 4.56
CA SER D 100 -11.99 12.73 3.56
C SER D 100 -12.70 11.69 2.68
N CYS D 101 -13.93 11.99 2.28
CA CYS D 101 -14.74 11.07 1.50
C CYS D 101 -14.19 10.71 0.11
N GLU D 102 -13.42 11.60 -0.50
CA GLU D 102 -12.85 11.34 -1.81
C GLU D 102 -11.67 10.39 -1.81
N VAL D 103 -11.09 10.12 -0.64
CA VAL D 103 -9.93 9.23 -0.53
C VAL D 103 -10.26 7.78 -0.95
N ALA D 104 -9.39 7.16 -1.75
CA ALA D 104 -9.62 5.77 -2.13
C ALA D 104 -9.12 4.86 -1.01
N LEU D 105 -10.02 4.04 -0.48
CA LEU D 105 -9.63 3.10 0.57
C LEU D 105 -10.31 1.78 0.29
N GLN D 106 -9.82 0.72 0.92
CA GLN D 106 -10.49 -0.57 0.80
C GLN D 106 -11.83 -0.34 1.56
N TRP D 107 -12.79 -1.24 1.36
CA TRP D 107 -14.09 -1.12 2.05
C TRP D 107 -14.57 -2.50 2.45
N ILE D 108 -15.58 -2.55 3.30
CA ILE D 108 -16.16 -3.81 3.79
C ILE D 108 -17.67 -3.83 3.57
N CYS D 109 -18.16 -4.84 2.85
CA CYS D 109 -19.59 -5.01 2.61
C CYS D 109 -20.08 -6.11 3.55
N LYS D 110 -21.37 -6.07 3.89
CA LYS D 110 -21.96 -7.07 4.75
C LYS D 110 -23.32 -7.48 4.23
N LYS D 111 -23.60 -8.78 4.26
CA LYS D 111 -24.91 -9.29 3.84
C LYS D 111 -25.30 -10.37 4.86
N VAL D 112 -26.61 -10.48 5.15
CA VAL D 112 -27.10 -11.47 6.11
C VAL D 112 -27.42 -12.81 5.44
N LEU D 113 -26.99 -13.88 6.12
CA LEU D 113 -27.14 -15.27 5.67
C LEU D 113 -25.92 -15.68 4.83
#